data_3DI2
#
_entry.id   3DI2
#
_cell.length_a   47.202
_cell.length_b   113.021
_cell.length_c   87.534
_cell.angle_alpha   90.00
_cell.angle_beta   105.10
_cell.angle_gamma   90.00
#
_symmetry.space_group_name_H-M   'P 1 21 1'
#
loop_
_entity.id
_entity.type
_entity.pdbx_description
1 polymer Interleukin-7
2 polymer 'Interleukin-7 receptor subunit alpha'
3 non-polymer 'PENTAETHYLENE GLYCOL'
4 water water
#
loop_
_entity_poly.entity_id
_entity_poly.type
_entity_poly.pdbx_seq_one_letter_code
_entity_poly.pdbx_strand_id
1 'polypeptide(L)'
;MGDCDIEGKDGKQYESVLMVSIDQLLDSMKEIGSNCLNNEFNFFKRHICDANKEGMFLFRAARKLRQFLKMNSTGDFDLH
LLKVSEGTTILLNCTGQVKGRKPAALGAAQPTKSLEENKSLKEQKKLNDLCFLKRLLQEIKTCWNKILMGTKEH
;
A,C
2 'polypeptide(L)'
;GSHMESGYAQNGDLEDAELDDYSFSCYSQLEVNGSQHSLTCAFEDPDVNTTNLEFEICGALVEVKCLNFRKLQEIYFIET
KKFLLIGKSNICVKVGEKSLTCKKIDLTTIVKPEAPFDLSVVYREGANDFVVTFNTSHLQKKYVKVLMHDVAYRQEKDEN
KWTHVNLSSTKLTLLQRKLQPAAMYEIKVRSIPDHYFKGFWSEWSPSYYFRTPEINNSSGEMD
;
B,D
#
# COMPACT_ATOMS: atom_id res chain seq x y z
N ASP A 10 15.36 -5.18 -51.42
CA ASP A 10 14.23 -4.86 -50.50
C ASP A 10 13.69 -6.11 -49.82
N GLY A 11 14.36 -7.25 -50.06
CA GLY A 11 13.92 -8.49 -49.45
C GLY A 11 14.07 -8.37 -47.95
N LYS A 12 14.77 -7.32 -47.53
CA LYS A 12 14.99 -7.05 -46.12
C LYS A 12 13.65 -6.66 -45.51
N GLN A 13 12.80 -6.04 -46.34
CA GLN A 13 11.46 -5.62 -45.96
C GLN A 13 10.63 -6.83 -45.59
N TYR A 14 10.78 -7.88 -46.39
CA TYR A 14 10.06 -9.12 -46.18
C TYR A 14 10.52 -9.76 -44.90
N GLU A 15 11.79 -10.10 -44.87
CA GLU A 15 12.37 -10.75 -43.71
C GLU A 15 12.02 -10.10 -42.39
N SER A 16 12.18 -8.77 -42.31
CA SER A 16 11.93 -8.04 -41.07
C SER A 16 10.51 -7.58 -40.73
N VAL A 17 9.71 -7.28 -41.73
CA VAL A 17 8.37 -6.82 -41.44
C VAL A 17 7.30 -7.78 -41.94
N LEU A 18 7.30 -8.04 -43.24
CA LEU A 18 6.32 -8.91 -43.83
C LEU A 18 6.28 -10.32 -43.27
N MET A 19 7.44 -10.94 -43.11
CA MET A 19 7.50 -12.31 -42.59
C MET A 19 6.95 -12.45 -41.19
N VAL A 20 7.06 -11.39 -40.38
CA VAL A 20 6.55 -11.43 -39.03
C VAL A 20 5.07 -11.78 -39.05
N SER A 21 4.34 -11.22 -40.00
CA SER A 21 2.92 -11.50 -40.09
C SER A 21 2.63 -12.89 -40.66
N ILE A 22 3.36 -13.32 -41.68
CA ILE A 22 3.07 -14.63 -42.21
C ILE A 22 3.24 -15.65 -41.10
N ASP A 23 4.34 -15.56 -40.36
CA ASP A 23 4.61 -16.51 -39.28
C ASP A 23 3.57 -16.49 -38.16
N GLN A 24 3.10 -15.31 -37.79
CA GLN A 24 2.10 -15.22 -36.73
C GLN A 24 0.85 -15.95 -37.20
N LEU A 25 0.47 -15.71 -38.44
CA LEU A 25 -0.71 -16.35 -38.99
C LEU A 25 -0.57 -17.85 -38.97
N LEU A 26 0.56 -18.36 -39.46
CA LEU A 26 0.80 -19.80 -39.48
C LEU A 26 0.79 -20.39 -38.07
N ASP A 27 1.13 -19.59 -37.08
CA ASP A 27 1.15 -20.06 -35.72
C ASP A 27 -0.23 -20.26 -35.13
N SER A 28 -1.19 -19.49 -35.58
CA SER A 28 -2.55 -19.64 -35.09
C SER A 28 -3.21 -20.79 -35.82
N MET A 29 -2.48 -21.39 -36.76
CA MET A 29 -3.01 -22.49 -37.53
C MET A 29 -2.13 -23.74 -37.50
N LYS A 30 -1.30 -23.90 -36.49
CA LYS A 30 -0.43 -25.07 -36.43
C LYS A 30 -1.20 -26.26 -35.88
N GLU A 31 -2.36 -26.00 -35.28
CA GLU A 31 -3.19 -27.07 -34.73
C GLU A 31 -3.94 -27.75 -35.89
N ILE A 32 -4.36 -26.95 -36.87
CA ILE A 32 -5.08 -27.50 -38.01
C ILE A 32 -4.12 -28.12 -39.01
N GLY A 33 -4.66 -28.75 -40.04
CA GLY A 33 -3.81 -29.35 -41.05
C GLY A 33 -3.87 -30.85 -41.28
N SER A 34 -3.43 -31.62 -40.29
CA SER A 34 -3.40 -33.07 -40.37
C SER A 34 -4.79 -33.75 -40.47
N ASN A 35 -5.76 -33.12 -41.13
CA ASN A 35 -7.10 -33.70 -41.23
C ASN A 35 -7.94 -33.42 -42.48
N CYS A 36 -7.52 -32.47 -43.31
CA CYS A 36 -8.30 -32.15 -44.51
C CYS A 36 -7.75 -32.87 -45.71
N LEU A 37 -8.61 -33.18 -46.67
CA LEU A 37 -8.16 -33.84 -47.88
C LEU A 37 -7.04 -32.96 -48.44
N ASN A 38 -5.80 -33.39 -48.23
CA ASN A 38 -4.63 -32.62 -48.65
C ASN A 38 -4.48 -32.47 -50.16
N ASN A 39 -5.13 -33.38 -50.90
CA ASN A 39 -5.10 -33.35 -52.37
C ASN A 39 -5.03 -31.91 -52.80
N GLU A 40 -3.83 -31.49 -53.19
CA GLU A 40 -3.61 -30.13 -53.59
C GLU A 40 -4.83 -29.55 -54.30
N PHE A 41 -5.07 -28.27 -54.08
CA PHE A 41 -6.19 -27.56 -54.68
C PHE A 41 -5.73 -27.14 -56.06
N ASN A 42 -6.69 -26.84 -56.93
CA ASN A 42 -6.36 -26.42 -58.29
C ASN A 42 -5.52 -25.17 -58.37
N PHE A 43 -5.67 -24.29 -57.40
CA PHE A 43 -4.90 -23.05 -57.39
C PHE A 43 -3.42 -23.33 -57.57
N PHE A 44 -2.94 -24.31 -56.80
CA PHE A 44 -1.52 -24.66 -56.83
C PHE A 44 -1.14 -25.53 -58.00
N LYS A 45 -2.12 -26.16 -58.63
CA LYS A 45 -1.84 -26.99 -59.80
C LYS A 45 -1.65 -26.03 -60.96
N ARG A 46 -2.48 -24.99 -60.99
CA ARG A 46 -2.43 -23.97 -62.04
C ARG A 46 -1.35 -22.91 -61.83
N HIS A 47 -1.09 -22.54 -60.58
CA HIS A 47 -0.10 -21.51 -60.31
C HIS A 47 1.06 -21.94 -59.44
N ILE A 48 2.25 -21.94 -60.04
CA ILE A 48 3.48 -22.33 -59.36
C ILE A 48 4.45 -21.16 -59.28
N CYS A 49 5.28 -21.14 -58.23
CA CYS A 49 6.28 -20.09 -58.05
C CYS A 49 7.51 -20.59 -58.78
N ASP A 50 7.37 -20.75 -60.09
CA ASP A 50 8.45 -21.27 -60.92
C ASP A 50 9.60 -20.32 -61.18
N ALA A 51 10.78 -20.91 -61.33
CA ALA A 51 12.00 -20.17 -61.58
C ALA A 51 11.70 -18.94 -62.38
N ASN A 52 12.14 -17.80 -61.87
CA ASN A 52 11.96 -16.54 -62.57
C ASN A 52 10.55 -16.40 -63.17
N LYS A 53 9.56 -16.36 -62.28
CA LYS A 53 8.15 -16.23 -62.59
C LYS A 53 7.49 -16.19 -61.20
N GLU A 54 8.34 -15.97 -60.20
CA GLU A 54 7.93 -15.92 -58.80
C GLU A 54 7.06 -14.71 -58.53
N GLY A 55 7.36 -13.61 -59.20
CA GLY A 55 6.58 -12.42 -59.01
C GLY A 55 5.12 -12.65 -59.33
N MET A 56 4.85 -13.30 -60.46
CA MET A 56 3.48 -13.56 -60.87
C MET A 56 2.75 -14.33 -59.79
N PHE A 57 3.45 -15.25 -59.11
CA PHE A 57 2.83 -16.07 -58.07
C PHE A 57 2.48 -15.34 -56.79
N LEU A 58 3.42 -14.57 -56.26
CA LEU A 58 3.17 -13.84 -55.03
C LEU A 58 2.01 -12.87 -55.24
N PHE A 59 2.01 -12.23 -56.41
CA PHE A 59 0.97 -11.31 -56.75
C PHE A 59 -0.38 -12.01 -56.61
N ARG A 60 -0.58 -13.12 -57.34
CA ARG A 60 -1.84 -13.86 -57.27
C ARG A 60 -2.12 -14.35 -55.86
N ALA A 61 -1.12 -14.91 -55.21
CA ALA A 61 -1.27 -15.42 -53.87
C ALA A 61 -1.74 -14.34 -52.93
N ALA A 62 -1.20 -13.15 -53.08
CA ALA A 62 -1.57 -12.03 -52.22
C ALA A 62 -3.01 -11.66 -52.46
N ARG A 63 -3.41 -11.70 -53.71
CA ARG A 63 -4.76 -11.36 -54.09
C ARG A 63 -5.73 -12.42 -53.55
N LYS A 64 -5.36 -13.69 -53.66
CA LYS A 64 -6.23 -14.74 -53.18
C LYS A 64 -6.44 -14.54 -51.68
N LEU A 65 -5.40 -14.10 -50.99
CA LEU A 65 -5.47 -13.87 -49.56
C LEU A 65 -6.62 -13.02 -49.07
N ARG A 66 -6.88 -11.89 -49.74
CA ARG A 66 -7.94 -10.97 -49.34
C ARG A 66 -9.28 -11.68 -49.21
N GLN A 67 -9.49 -12.69 -50.04
CA GLN A 67 -10.72 -13.47 -50.02
C GLN A 67 -11.01 -14.12 -48.68
N PHE A 68 -10.10 -13.99 -47.71
CA PHE A 68 -10.30 -14.60 -46.39
C PHE A 68 -10.61 -13.53 -45.36
N LEU A 69 -10.77 -12.31 -45.83
CA LEU A 69 -11.06 -11.16 -44.98
C LEU A 69 -12.55 -11.05 -44.68
N LYS A 70 -12.92 -10.95 -43.41
CA LYS A 70 -14.33 -10.80 -43.09
C LYS A 70 -14.60 -9.29 -43.10
N MET A 71 -15.87 -8.91 -43.15
CA MET A 71 -16.26 -7.50 -43.18
C MET A 71 -15.62 -6.69 -42.05
N ASN A 72 -15.88 -7.10 -40.81
CA ASN A 72 -15.34 -6.43 -39.63
C ASN A 72 -13.83 -6.69 -39.53
N SER A 73 -13.08 -6.22 -40.53
CA SER A 73 -11.63 -6.40 -40.60
C SER A 73 -10.89 -5.72 -39.44
N THR A 74 -11.27 -6.09 -38.22
CA THR A 74 -10.63 -5.55 -37.04
C THR A 74 -10.35 -6.72 -36.12
N GLY A 75 -9.10 -7.16 -36.10
CA GLY A 75 -8.70 -8.28 -35.26
C GLY A 75 -7.29 -8.67 -35.66
N ASP A 76 -6.44 -8.99 -34.69
CA ASP A 76 -5.08 -9.36 -35.02
C ASP A 76 -5.04 -10.21 -36.29
N PHE A 77 -5.85 -11.26 -36.35
CA PHE A 77 -5.88 -12.16 -37.49
C PHE A 77 -6.07 -11.46 -38.84
N ASP A 78 -7.18 -10.76 -39.01
CA ASP A 78 -7.42 -10.07 -40.27
C ASP A 78 -6.37 -9.02 -40.57
N LEU A 79 -5.86 -8.38 -39.53
CA LEU A 79 -4.84 -7.36 -39.74
C LEU A 79 -3.59 -8.00 -40.31
N HIS A 80 -3.22 -9.17 -39.78
CA HIS A 80 -2.04 -9.86 -40.28
C HIS A 80 -2.24 -10.26 -41.74
N LEU A 81 -3.45 -10.70 -42.09
CA LEU A 81 -3.76 -11.07 -43.47
C LEU A 81 -3.59 -9.86 -44.37
N LEU A 82 -4.16 -8.74 -43.93
CA LEU A 82 -4.08 -7.50 -44.69
C LEU A 82 -2.65 -7.06 -44.86
N LYS A 83 -1.88 -7.10 -43.78
CA LYS A 83 -0.49 -6.71 -43.87
C LYS A 83 0.28 -7.57 -44.88
N VAL A 84 0.10 -8.89 -44.82
CA VAL A 84 0.81 -9.77 -45.74
C VAL A 84 0.58 -9.44 -47.19
N SER A 85 -0.68 -9.29 -47.58
CA SER A 85 -0.93 -9.02 -48.99
C SER A 85 -0.79 -7.58 -49.44
N GLU A 86 -1.32 -6.63 -48.68
CA GLU A 86 -1.17 -5.23 -49.07
C GLU A 86 0.34 -4.98 -49.07
N GLY A 87 1.04 -5.71 -48.21
CA GLY A 87 2.48 -5.60 -48.11
C GLY A 87 3.21 -6.25 -49.26
N THR A 88 2.91 -7.52 -49.54
CA THR A 88 3.56 -8.21 -50.64
C THR A 88 3.38 -7.37 -51.91
N THR A 89 2.16 -6.87 -52.09
CA THR A 89 1.83 -6.05 -53.25
C THR A 89 2.75 -4.83 -53.37
N ILE A 90 2.79 -4.01 -52.32
CA ILE A 90 3.64 -2.82 -52.32
C ILE A 90 5.10 -3.10 -52.65
N LEU A 91 5.59 -4.30 -52.42
CA LEU A 91 6.99 -4.57 -52.73
C LEU A 91 7.24 -4.99 -54.17
N LEU A 92 6.17 -5.22 -54.91
CA LEU A 92 6.29 -5.65 -56.30
C LEU A 92 5.88 -4.58 -57.35
N ASN A 93 4.59 -4.31 -57.48
CA ASN A 93 4.12 -3.34 -58.46
C ASN A 93 2.85 -2.63 -57.96
N GLN A 124 -13.68 -11.35 -55.22
CA GLN A 124 -14.49 -12.40 -55.82
C GLN A 124 -15.38 -13.08 -54.77
N LYS A 125 -15.16 -14.38 -54.58
CA LYS A 125 -15.90 -15.16 -53.59
C LYS A 125 -15.16 -15.09 -52.26
N LYS A 126 -15.87 -15.34 -51.17
CA LYS A 126 -15.23 -15.35 -49.86
C LYS A 126 -14.89 -16.80 -49.55
N LEU A 127 -13.80 -17.00 -48.82
CA LEU A 127 -13.35 -18.34 -48.52
C LEU A 127 -13.23 -18.55 -47.03
N ASN A 128 -13.41 -19.78 -46.59
CA ASN A 128 -13.34 -20.09 -45.16
C ASN A 128 -12.43 -21.24 -44.82
N ASP A 129 -12.06 -22.04 -45.81
CA ASP A 129 -11.20 -23.19 -45.54
C ASP A 129 -9.84 -22.77 -45.07
N LEU A 130 -9.52 -23.05 -43.81
CA LEU A 130 -8.23 -22.67 -43.27
C LEU A 130 -7.11 -23.55 -43.79
N CYS A 131 -7.45 -24.72 -44.33
CA CYS A 131 -6.46 -25.62 -44.88
C CYS A 131 -5.84 -24.98 -46.10
N PHE A 132 -6.67 -24.35 -46.93
CA PHE A 132 -6.17 -23.68 -48.11
C PHE A 132 -5.38 -22.43 -47.73
N LEU A 133 -5.86 -21.67 -46.74
CA LEU A 133 -5.14 -20.48 -46.34
C LEU A 133 -3.79 -20.91 -45.80
N LYS A 134 -3.78 -21.88 -44.89
CA LYS A 134 -2.54 -22.35 -44.31
C LYS A 134 -1.54 -22.75 -45.38
N ARG A 135 -2.00 -23.51 -46.36
CA ARG A 135 -1.15 -23.95 -47.46
C ARG A 135 -0.74 -22.75 -48.29
N LEU A 136 -1.63 -21.79 -48.40
CA LEU A 136 -1.39 -20.60 -49.18
C LEU A 136 -0.26 -19.79 -48.57
N LEU A 137 -0.31 -19.59 -47.25
CA LEU A 137 0.73 -18.84 -46.58
C LEU A 137 2.08 -19.52 -46.69
N GLN A 138 2.09 -20.85 -46.54
CA GLN A 138 3.31 -21.64 -46.64
C GLN A 138 3.95 -21.44 -48.01
N GLU A 139 3.13 -21.50 -49.06
CA GLU A 139 3.66 -21.33 -50.42
C GLU A 139 4.15 -19.92 -50.62
N ILE A 140 3.52 -18.94 -49.97
CA ILE A 140 3.95 -17.54 -50.09
C ILE A 140 5.33 -17.40 -49.48
N LYS A 141 5.55 -18.02 -48.32
CA LYS A 141 6.87 -17.96 -47.68
C LYS A 141 7.92 -18.57 -48.58
N THR A 142 7.62 -19.76 -49.08
CA THR A 142 8.53 -20.46 -49.95
C THR A 142 8.92 -19.66 -51.18
N CYS A 143 7.94 -19.00 -51.76
CA CYS A 143 8.19 -18.21 -52.96
C CYS A 143 9.08 -17.04 -52.60
N TRP A 144 8.85 -16.42 -51.46
CA TRP A 144 9.67 -15.31 -51.04
C TRP A 144 11.10 -15.78 -50.85
N ASN A 145 11.28 -17.01 -50.39
CA ASN A 145 12.63 -17.51 -50.19
C ASN A 145 13.39 -17.66 -51.48
N LYS A 146 12.71 -18.07 -52.54
CA LYS A 146 13.37 -18.23 -53.82
C LYS A 146 13.83 -16.87 -54.33
N ILE A 147 12.94 -15.90 -54.30
CA ILE A 147 13.28 -14.54 -54.71
C ILE A 147 14.49 -14.02 -53.93
N LEU A 148 14.57 -14.39 -52.66
CA LEU A 148 15.68 -13.96 -51.82
C LEU A 148 16.96 -14.72 -52.18
N MET A 149 17.03 -16.01 -51.84
CA MET A 149 18.21 -16.82 -52.14
C MET A 149 18.42 -16.93 -53.66
N GLY A 150 17.89 -15.95 -54.38
CA GLY A 150 18.02 -15.92 -55.82
C GLY A 150 18.52 -14.58 -56.34
N THR A 151 18.67 -13.59 -55.47
CA THR A 151 19.17 -12.28 -55.90
C THR A 151 20.66 -12.22 -55.58
N LYS A 152 21.07 -13.01 -54.60
CA LYS A 152 22.47 -13.09 -54.24
C LYS A 152 23.11 -13.92 -55.36
N GLU A 153 22.37 -14.01 -56.46
CA GLU A 153 22.78 -14.76 -57.65
C GLU A 153 23.04 -13.82 -58.84
N HIS A 154 21.96 -13.26 -59.38
CA HIS A 154 22.04 -12.35 -60.52
C HIS A 154 23.26 -11.43 -60.40
N ASP B 21 8.58 26.85 -37.15
CA ASP B 21 7.23 27.48 -37.26
C ASP B 21 6.17 26.49 -36.76
N TYR B 22 5.92 25.44 -37.53
CA TYR B 22 4.97 24.42 -37.10
C TYR B 22 5.71 23.09 -37.12
N SER B 23 7.02 23.19 -37.28
CA SER B 23 7.89 22.03 -37.33
C SER B 23 7.62 21.10 -36.16
N PHE B 24 7.78 19.81 -36.40
CA PHE B 24 7.53 18.81 -35.37
C PHE B 24 8.41 17.60 -35.61
N SER B 25 8.35 16.66 -34.68
CA SER B 25 9.12 15.45 -34.78
C SER B 25 8.34 14.35 -34.07
N CYS B 26 8.48 13.12 -34.55
CA CYS B 26 7.76 12.00 -33.98
C CYS B 26 8.67 10.82 -33.78
N TYR B 27 8.22 9.86 -32.97
CA TYR B 27 8.94 8.61 -32.76
C TYR B 27 7.90 7.52 -32.60
N SER B 28 8.15 6.39 -33.24
CA SER B 28 7.22 5.28 -33.13
C SER B 28 7.75 4.30 -32.13
N GLN B 29 6.84 3.48 -31.61
CA GLN B 29 7.19 2.43 -30.67
C GLN B 29 6.38 1.21 -31.10
N LEU B 30 7.07 0.18 -31.55
CA LEU B 30 6.40 -1.02 -32.04
C LEU B 30 6.27 -2.09 -30.94
N GLU B 31 5.07 -2.66 -30.85
CA GLU B 31 4.73 -3.66 -29.85
C GLU B 31 5.06 -3.05 -28.50
N VAL B 32 4.47 -1.89 -28.23
CA VAL B 32 4.71 -1.19 -26.97
C VAL B 32 3.67 -1.60 -25.94
N ASN B 33 2.52 -2.06 -26.43
CA ASN B 33 1.43 -2.53 -25.58
C ASN B 33 0.97 -3.80 -26.25
N GLY B 34 1.61 -4.91 -25.90
CA GLY B 34 1.24 -6.16 -26.54
C GLY B 34 1.74 -6.05 -27.96
N SER B 35 0.89 -6.34 -28.94
CA SER B 35 1.32 -6.24 -30.33
C SER B 35 0.89 -4.90 -30.92
N GLN B 36 0.39 -4.02 -30.06
CA GLN B 36 -0.01 -2.70 -30.50
C GLN B 36 1.19 -1.75 -30.59
N HIS B 37 1.17 -0.86 -31.59
CA HIS B 37 2.27 0.09 -31.80
C HIS B 37 1.80 1.48 -31.38
N SER B 38 2.71 2.45 -31.32
CA SER B 38 2.33 3.80 -30.97
C SER B 38 3.19 4.80 -31.73
N LEU B 39 2.56 5.86 -32.20
CA LEU B 39 3.29 6.90 -32.90
C LEU B 39 3.07 8.11 -32.03
N THR B 40 4.12 8.90 -31.80
CA THR B 40 4.00 10.10 -30.96
C THR B 40 4.69 11.30 -31.57
N CYS B 41 3.95 12.40 -31.69
CA CYS B 41 4.50 13.61 -32.30
C CYS B 41 4.30 14.82 -31.39
N ALA B 42 5.19 15.79 -31.56
CA ALA B 42 5.16 17.03 -30.79
C ALA B 42 5.86 18.12 -31.56
N PHE B 43 5.42 19.35 -31.35
CA PHE B 43 6.03 20.49 -32.03
C PHE B 43 7.38 20.75 -31.38
N GLU B 44 8.33 21.23 -32.16
CA GLU B 44 9.63 21.50 -31.59
C GLU B 44 9.64 22.78 -30.79
N ASP B 45 8.78 23.72 -31.14
CA ASP B 45 8.69 24.94 -30.36
C ASP B 45 7.67 24.62 -29.30
N PRO B 46 8.12 24.36 -28.07
CA PRO B 46 7.21 24.03 -26.99
C PRO B 46 6.18 25.08 -26.65
N ASP B 47 6.36 26.32 -27.10
CA ASP B 47 5.39 27.34 -26.78
C ASP B 47 4.34 27.60 -27.85
N VAL B 48 4.35 26.77 -28.90
CA VAL B 48 3.39 26.89 -29.98
C VAL B 48 1.97 26.70 -29.47
N ASN B 49 1.04 27.49 -29.99
CA ASN B 49 -0.36 27.42 -29.57
C ASN B 49 -1.08 26.21 -30.17
N THR B 50 -1.37 25.21 -29.34
CA THR B 50 -2.04 24.00 -29.81
C THR B 50 -3.49 23.82 -29.34
N THR B 51 -4.34 24.78 -29.65
CA THR B 51 -5.74 24.68 -29.25
C THR B 51 -6.63 24.75 -30.48
N ASN B 52 -6.00 24.62 -31.64
CA ASN B 52 -6.73 24.66 -32.89
C ASN B 52 -6.05 23.70 -33.84
N LEU B 53 -4.84 23.30 -33.45
CA LEU B 53 -4.03 22.39 -34.25
C LEU B 53 -4.37 20.91 -34.11
N GLU B 54 -4.25 20.20 -35.23
CA GLU B 54 -4.56 18.77 -35.31
C GLU B 54 -3.50 17.95 -36.07
N PHE B 55 -3.27 16.73 -35.60
CA PHE B 55 -2.29 15.85 -36.24
C PHE B 55 -3.00 14.67 -36.87
N GLU B 56 -2.58 14.34 -38.09
CA GLU B 56 -3.17 13.23 -38.80
C GLU B 56 -2.14 12.47 -39.63
N ILE B 57 -2.30 11.15 -39.72
CA ILE B 57 -1.38 10.33 -40.49
C ILE B 57 -2.13 9.55 -41.57
N CYS B 58 -1.56 9.56 -42.78
CA CYS B 58 -2.15 8.87 -43.92
C CYS B 58 -1.09 8.07 -44.64
N GLY B 59 -1.45 6.89 -45.10
CA GLY B 59 -0.50 6.05 -45.83
C GLY B 59 0.17 4.99 -44.97
N ALA B 60 0.54 3.88 -45.61
CA ALA B 60 1.20 2.79 -44.90
C ALA B 60 0.37 2.25 -43.74
N LEU B 61 -0.95 2.35 -43.85
CA LEU B 61 -1.86 1.83 -42.84
C LEU B 61 -2.63 0.68 -43.50
N VAL B 62 -3.48 -0.03 -42.76
CA VAL B 62 -4.20 -1.11 -43.41
C VAL B 62 -5.70 -1.03 -43.52
N GLU B 63 -6.40 -1.38 -42.46
CA GLU B 63 -7.86 -1.37 -42.52
C GLU B 63 -8.39 0.00 -42.95
N VAL B 64 -7.71 1.05 -42.49
CA VAL B 64 -8.11 2.42 -42.78
C VAL B 64 -7.14 3.13 -43.73
N LYS B 65 -7.46 4.37 -44.07
CA LYS B 65 -6.64 5.15 -44.98
C LYS B 65 -5.79 6.16 -44.19
N CYS B 66 -6.39 6.78 -43.19
CA CYS B 66 -5.71 7.76 -42.34
C CYS B 66 -6.14 7.59 -40.89
N LEU B 67 -5.35 8.17 -39.97
CA LEU B 67 -5.68 8.09 -38.54
C LEU B 67 -5.57 9.48 -37.89
N ASN B 68 -6.45 9.74 -36.93
CA ASN B 68 -6.46 11.02 -36.23
C ASN B 68 -5.76 10.83 -34.90
N PHE B 69 -4.78 11.67 -34.60
CA PHE B 69 -4.06 11.57 -33.35
C PHE B 69 -4.95 12.01 -32.20
N ARG B 70 -4.44 11.86 -30.99
CA ARG B 70 -5.18 12.27 -29.80
C ARG B 70 -4.29 13.18 -28.98
N LYS B 71 -4.71 14.43 -28.82
CA LYS B 71 -3.96 15.40 -28.05
C LYS B 71 -4.00 15.01 -26.57
N LEU B 72 -2.84 15.02 -25.91
CA LEU B 72 -2.75 14.70 -24.49
C LEU B 72 -1.84 15.74 -23.85
N GLN B 73 -2.37 16.96 -23.81
CA GLN B 73 -1.66 18.13 -23.28
C GLN B 73 -0.93 18.78 -24.45
N GLU B 74 0.40 18.68 -24.45
CA GLU B 74 1.18 19.30 -25.51
C GLU B 74 1.55 18.31 -26.62
N ILE B 75 1.42 17.02 -26.34
CA ILE B 75 1.78 16.01 -27.33
C ILE B 75 0.62 15.24 -27.96
N TYR B 76 0.79 14.85 -29.22
CA TYR B 76 -0.23 14.12 -29.97
C TYR B 76 0.22 12.68 -30.12
N PHE B 77 -0.70 11.73 -30.03
CA PHE B 77 -0.29 10.35 -30.16
C PHE B 77 -1.37 9.34 -30.58
N ILE B 78 -0.93 8.28 -31.27
CA ILE B 78 -1.79 7.21 -31.77
C ILE B 78 -1.36 5.85 -31.23
N GLU B 79 -2.31 4.96 -30.97
CA GLU B 79 -2.00 3.61 -30.53
C GLU B 79 -2.80 2.67 -31.42
N THR B 80 -2.15 1.97 -32.34
CA THR B 80 -2.86 1.08 -33.22
C THR B 80 -2.02 -0.12 -33.63
N LYS B 81 -2.60 -1.02 -34.42
CA LYS B 81 -1.93 -2.20 -34.93
C LYS B 81 -2.05 -2.07 -36.44
N LYS B 82 -2.64 -0.97 -36.87
CA LYS B 82 -2.86 -0.71 -38.28
C LYS B 82 -1.72 -0.13 -39.06
N PHE B 83 -0.49 -0.20 -38.54
CA PHE B 83 0.64 0.31 -39.29
C PHE B 83 1.15 -0.83 -40.14
N LEU B 84 1.39 -0.57 -41.41
CA LEU B 84 1.88 -1.62 -42.30
C LEU B 84 3.37 -1.88 -42.09
N LEU B 85 4.11 -0.81 -41.81
CA LEU B 85 5.56 -0.83 -41.57
C LEU B 85 6.37 -1.08 -42.83
N ILE B 86 5.76 -0.74 -43.96
CA ILE B 86 6.39 -0.85 -45.27
C ILE B 86 6.01 0.40 -46.07
N GLY B 87 7.00 1.25 -46.34
CA GLY B 87 6.75 2.47 -47.08
C GLY B 87 6.51 3.67 -46.18
N LYS B 88 6.66 4.87 -46.75
CA LYS B 88 6.48 6.11 -46.00
C LYS B 88 5.04 6.49 -45.72
N SER B 89 4.84 7.27 -44.67
CA SER B 89 3.52 7.72 -44.28
C SER B 89 3.52 9.23 -44.33
N ASN B 90 2.34 9.82 -44.28
CA ASN B 90 2.25 11.26 -44.35
C ASN B 90 1.60 11.84 -43.11
N ILE B 91 2.41 12.42 -42.26
CA ILE B 91 1.91 13.03 -41.04
C ILE B 91 1.71 14.51 -41.33
N CYS B 92 0.54 15.01 -40.97
CA CYS B 92 0.21 16.40 -41.21
C CYS B 92 -0.28 17.14 -40.00
N VAL B 93 0.12 18.40 -39.92
CA VAL B 93 -0.32 19.27 -38.86
C VAL B 93 -1.45 20.03 -39.53
N LYS B 94 -2.67 19.65 -39.19
CA LYS B 94 -3.79 20.32 -39.78
C LYS B 94 -4.33 21.36 -38.82
N VAL B 95 -4.92 22.40 -39.40
CA VAL B 95 -5.54 23.49 -38.67
C VAL B 95 -6.96 23.45 -39.21
N GLY B 96 -7.86 22.79 -38.50
CA GLY B 96 -9.22 22.68 -38.98
C GLY B 96 -9.30 21.67 -40.13
N GLU B 97 -8.72 22.03 -41.27
CA GLU B 97 -8.69 21.18 -42.46
C GLU B 97 -7.62 21.65 -43.44
N LYS B 98 -6.89 22.69 -43.06
CA LYS B 98 -5.82 23.21 -43.91
C LYS B 98 -4.55 22.49 -43.51
N SER B 99 -3.80 22.00 -44.49
CA SER B 99 -2.56 21.30 -44.18
C SER B 99 -1.41 22.28 -44.00
N LEU B 100 -1.24 22.73 -42.75
CA LEU B 100 -0.19 23.69 -42.39
C LEU B 100 1.18 23.18 -42.78
N THR B 101 1.38 21.88 -42.59
CA THR B 101 2.65 21.28 -42.95
C THR B 101 2.53 19.77 -42.82
N CYS B 102 3.36 19.05 -43.57
CA CYS B 102 3.35 17.61 -43.53
C CYS B 102 4.76 17.10 -43.81
N LYS B 103 5.06 15.90 -43.33
CA LYS B 103 6.36 15.28 -43.56
C LYS B 103 6.08 13.83 -43.94
N LYS B 104 6.96 13.25 -44.75
CA LYS B 104 6.81 11.87 -45.15
C LYS B 104 7.79 11.03 -44.37
N ILE B 105 7.31 10.38 -43.32
CA ILE B 105 8.18 9.54 -42.53
C ILE B 105 7.86 8.07 -42.68
N ASP B 106 8.89 7.24 -42.54
CA ASP B 106 8.78 5.79 -42.60
C ASP B 106 8.89 5.32 -41.15
N LEU B 107 7.74 5.04 -40.54
CA LEU B 107 7.65 4.62 -39.16
C LEU B 107 8.67 3.61 -38.67
N THR B 108 9.39 2.95 -39.57
CA THR B 108 10.38 1.98 -39.14
C THR B 108 11.76 2.61 -38.92
N THR B 109 11.90 3.90 -39.19
CA THR B 109 13.18 4.55 -39.02
C THR B 109 13.17 5.54 -37.87
N ILE B 110 12.04 5.71 -37.20
CA ILE B 110 11.94 6.62 -36.06
C ILE B 110 11.45 5.85 -34.82
N VAL B 111 11.97 4.65 -34.65
CA VAL B 111 11.61 3.79 -33.53
C VAL B 111 12.38 4.21 -32.30
N LYS B 112 11.73 4.15 -31.15
CA LYS B 112 12.37 4.50 -29.89
C LYS B 112 12.18 3.32 -28.97
N PRO B 113 13.25 2.58 -28.68
CA PRO B 113 13.11 1.43 -27.80
C PRO B 113 12.62 1.76 -26.41
N GLU B 114 12.04 0.76 -25.75
CA GLU B 114 11.58 0.94 -24.39
C GLU B 114 12.89 0.92 -23.58
N ALA B 115 12.94 1.64 -22.48
CA ALA B 115 14.18 1.67 -21.70
C ALA B 115 14.55 0.35 -21.07
N PRO B 116 15.86 0.03 -21.00
CA PRO B 116 16.25 -1.23 -20.39
C PRO B 116 15.80 -1.15 -18.92
N PHE B 117 15.85 -2.27 -18.22
CA PHE B 117 15.45 -2.29 -16.83
C PHE B 117 16.13 -3.40 -16.07
N ASP B 118 15.96 -3.40 -14.75
CA ASP B 118 16.58 -4.38 -13.89
C ASP B 118 18.08 -4.35 -14.01
N LEU B 119 18.63 -3.15 -14.04
CA LEU B 119 20.07 -2.99 -14.10
C LEU B 119 20.59 -3.65 -12.83
N SER B 120 21.82 -4.12 -12.84
CA SER B 120 22.32 -4.78 -11.64
C SER B 120 23.81 -5.09 -11.68
N VAL B 121 24.57 -4.48 -10.79
CA VAL B 121 26.00 -4.73 -10.73
C VAL B 121 26.25 -5.80 -9.69
N VAL B 122 27.22 -6.66 -9.96
CA VAL B 122 27.57 -7.72 -9.04
C VAL B 122 29.07 -7.89 -8.99
N TYR B 123 29.60 -7.78 -7.79
CA TYR B 123 31.03 -7.90 -7.56
C TYR B 123 31.46 -9.35 -7.33
N ARG B 124 32.34 -9.85 -8.19
CA ARG B 124 32.84 -11.22 -8.04
C ARG B 124 34.17 -11.13 -7.30
N GLU B 125 34.18 -11.60 -6.05
CA GLU B 125 35.36 -11.55 -5.20
C GLU B 125 36.64 -12.09 -5.85
N GLY B 126 36.55 -13.31 -6.38
CA GLY B 126 37.70 -13.93 -7.02
C GLY B 126 38.31 -13.17 -8.18
N ALA B 127 37.52 -12.97 -9.23
CA ALA B 127 37.99 -12.30 -10.44
C ALA B 127 38.21 -10.79 -10.33
N ASN B 128 38.03 -10.25 -9.14
CA ASN B 128 38.21 -8.82 -8.91
C ASN B 128 37.65 -7.94 -10.04
N ASP B 129 36.37 -8.17 -10.36
CA ASP B 129 35.65 -7.44 -11.39
C ASP B 129 34.15 -7.40 -11.05
N PHE B 130 33.44 -6.46 -11.67
CA PHE B 130 32.01 -6.28 -11.48
C PHE B 130 31.29 -6.74 -12.73
N VAL B 131 30.22 -7.50 -12.56
CA VAL B 131 29.49 -7.92 -13.73
C VAL B 131 28.14 -7.21 -13.82
N VAL B 132 28.07 -6.23 -14.73
CA VAL B 132 26.85 -5.44 -14.97
C VAL B 132 25.93 -6.17 -15.92
N THR B 133 24.65 -6.25 -15.57
CA THR B 133 23.71 -6.95 -16.42
C THR B 133 22.40 -6.22 -16.35
N PHE B 134 21.59 -6.35 -17.41
CA PHE B 134 20.28 -5.70 -17.47
C PHE B 134 19.29 -6.44 -18.36
N ASN B 135 18.07 -5.93 -18.45
CA ASN B 135 17.05 -6.57 -19.24
C ASN B 135 16.39 -5.61 -20.24
N THR B 136 15.85 -6.16 -21.31
CA THR B 136 15.16 -5.34 -22.29
C THR B 136 13.99 -6.14 -22.84
N SER B 137 12.78 -5.61 -22.71
CA SER B 137 11.59 -6.31 -23.18
C SER B 137 11.62 -6.53 -24.67
N HIS B 138 12.59 -5.92 -25.33
CA HIS B 138 12.72 -6.07 -26.76
C HIS B 138 13.15 -7.48 -27.16
N LEU B 139 13.72 -8.22 -26.23
CA LEU B 139 14.15 -9.56 -26.59
C LEU B 139 12.99 -10.43 -27.08
N GLN B 140 11.84 -10.38 -26.40
CA GLN B 140 10.74 -11.21 -26.86
C GLN B 140 9.87 -10.54 -27.91
N LYS B 141 10.26 -9.37 -28.39
CA LYS B 141 9.48 -8.69 -29.41
C LYS B 141 9.71 -9.36 -30.77
N LYS B 142 8.81 -9.16 -31.71
CA LYS B 142 8.94 -9.77 -33.02
C LYS B 142 9.62 -8.90 -34.07
N TYR B 143 9.49 -7.57 -33.94
CA TYR B 143 10.08 -6.63 -34.90
C TYR B 143 11.43 -6.08 -34.47
N VAL B 144 11.42 -5.11 -33.57
CA VAL B 144 12.66 -4.52 -33.13
C VAL B 144 13.29 -5.41 -32.06
N LYS B 145 13.96 -6.48 -32.49
CA LYS B 145 14.59 -7.37 -31.54
C LYS B 145 16.11 -7.32 -31.51
N VAL B 146 16.68 -6.38 -32.25
CA VAL B 146 18.13 -6.21 -32.25
C VAL B 146 18.45 -4.76 -31.87
N LEU B 147 19.08 -4.58 -30.71
CA LEU B 147 19.42 -3.23 -30.24
C LEU B 147 20.89 -3.05 -29.94
N MET B 148 21.33 -1.80 -29.95
CA MET B 148 22.70 -1.47 -29.63
C MET B 148 22.55 -0.76 -28.29
N HIS B 149 23.00 -1.36 -27.19
CA HIS B 149 22.88 -0.73 -25.87
C HIS B 149 24.08 0.15 -25.56
N ASP B 150 23.83 1.19 -24.78
CA ASP B 150 24.86 2.12 -24.34
C ASP B 150 24.88 2.17 -22.82
N VAL B 151 25.87 1.54 -22.23
CA VAL B 151 26.03 1.51 -20.77
C VAL B 151 26.84 2.72 -20.35
N ALA B 152 26.29 3.56 -19.49
CA ALA B 152 27.02 4.73 -19.06
C ALA B 152 27.24 4.78 -17.55
N TYR B 153 28.43 5.18 -17.15
CA TYR B 153 28.75 5.28 -15.73
C TYR B 153 29.78 6.37 -15.42
N ARG B 154 29.78 6.82 -14.18
CA ARG B 154 30.71 7.85 -13.74
C ARG B 154 30.92 7.70 -12.23
N GLN B 155 31.77 8.55 -11.68
CA GLN B 155 32.03 8.51 -10.26
C GLN B 155 31.42 9.74 -9.62
N GLU B 156 30.87 9.57 -8.42
CA GLU B 156 30.22 10.67 -7.67
C GLU B 156 31.02 11.96 -7.65
N LYS B 157 32.31 11.85 -7.31
CA LYS B 157 33.20 13.00 -7.25
C LYS B 157 33.25 13.73 -8.59
N ASP B 158 33.10 12.99 -9.69
CA ASP B 158 33.15 13.57 -11.02
C ASP B 158 31.77 14.03 -11.52
N GLU B 159 31.77 14.93 -12.50
CA GLU B 159 30.53 15.46 -13.06
C GLU B 159 30.57 15.62 -14.58
N ASN B 160 29.47 15.23 -15.24
CA ASN B 160 29.33 15.33 -16.70
C ASN B 160 30.35 14.56 -17.53
N LYS B 161 31.27 13.86 -16.85
CA LYS B 161 32.29 13.07 -17.54
C LYS B 161 32.00 11.59 -17.36
N TRP B 162 31.05 11.09 -18.14
CA TRP B 162 30.67 9.69 -18.09
C TRP B 162 31.51 8.83 -18.99
N THR B 163 31.64 7.55 -18.63
CA THR B 163 32.38 6.60 -19.44
C THR B 163 31.34 5.74 -20.13
N HIS B 164 31.29 5.82 -21.46
CA HIS B 164 30.32 5.03 -22.20
C HIS B 164 30.88 3.73 -22.74
N VAL B 165 29.99 2.78 -22.95
CA VAL B 165 30.37 1.48 -23.48
C VAL B 165 29.20 0.99 -24.33
N ASN B 166 29.45 0.66 -25.58
CA ASN B 166 28.41 0.16 -26.46
C ASN B 166 28.39 -1.35 -26.40
N LEU B 167 27.25 -1.92 -26.10
CA LEU B 167 27.16 -3.36 -26.01
C LEU B 167 26.08 -3.85 -26.98
N SER B 168 25.98 -5.16 -27.14
CA SER B 168 24.96 -5.72 -28.03
C SER B 168 24.26 -6.83 -27.29
N SER B 169 24.83 -7.20 -26.16
CA SER B 169 24.26 -8.23 -25.32
C SER B 169 23.86 -7.49 -24.06
N THR B 170 23.24 -8.21 -23.13
CA THR B 170 22.79 -7.60 -21.88
C THR B 170 23.71 -7.88 -20.68
N LYS B 171 25.00 -8.10 -20.94
CA LYS B 171 25.98 -8.37 -19.89
C LYS B 171 27.26 -7.64 -20.23
N LEU B 172 27.80 -6.92 -19.26
CA LEU B 172 29.02 -6.15 -19.45
C LEU B 172 29.87 -6.33 -18.21
N THR B 173 31.19 -6.39 -18.38
CA THR B 173 32.07 -6.59 -17.24
C THR B 173 33.13 -5.52 -17.04
N LEU B 174 33.11 -4.87 -15.90
CA LEU B 174 34.09 -3.83 -15.59
C LEU B 174 35.11 -4.42 -14.64
N LEU B 175 36.38 -4.05 -14.82
CA LEU B 175 37.47 -4.56 -13.98
C LEU B 175 37.81 -3.58 -12.86
N GLN B 176 38.00 -4.09 -11.64
CA GLN B 176 38.32 -3.24 -10.50
C GLN B 176 39.60 -2.49 -10.81
N ARG B 177 40.44 -3.17 -11.56
CA ARG B 177 41.73 -2.67 -12.00
C ARG B 177 41.55 -1.39 -12.81
N LYS B 178 40.36 -1.20 -13.37
CA LYS B 178 40.11 -0.03 -14.17
C LYS B 178 39.20 0.99 -13.52
N LEU B 179 38.66 0.65 -12.37
CA LEU B 179 37.77 1.53 -11.64
C LEU B 179 38.45 2.03 -10.37
N GLN B 180 38.28 3.32 -10.10
CA GLN B 180 38.87 3.94 -8.92
C GLN B 180 38.56 3.16 -7.67
N PRO B 181 39.55 3.03 -6.77
CA PRO B 181 39.40 2.30 -5.51
C PRO B 181 38.49 3.05 -4.55
N ALA B 182 37.80 2.31 -3.68
CA ALA B 182 36.89 2.88 -2.70
C ALA B 182 36.17 4.12 -3.23
N ALA B 183 35.21 3.89 -4.10
CA ALA B 183 34.45 4.98 -4.70
C ALA B 183 33.06 4.51 -5.05
N MET B 184 32.17 5.48 -5.12
CA MET B 184 30.79 5.23 -5.43
C MET B 184 30.56 5.59 -6.89
N TYR B 185 30.09 4.63 -7.65
CA TYR B 185 29.81 4.86 -9.05
C TYR B 185 28.33 4.85 -9.33
N GLU B 186 27.93 5.56 -10.38
CA GLU B 186 26.54 5.61 -10.83
C GLU B 186 26.60 5.02 -12.22
N ILE B 187 25.73 4.08 -12.52
CA ILE B 187 25.73 3.47 -13.85
C ILE B 187 24.32 3.35 -14.37
N LYS B 188 24.17 3.47 -15.68
CA LYS B 188 22.87 3.36 -16.32
C LYS B 188 22.99 2.93 -17.77
N VAL B 189 21.92 2.37 -18.33
CA VAL B 189 21.90 1.92 -19.73
C VAL B 189 20.75 2.50 -20.51
N ARG B 190 20.81 2.36 -21.83
CA ARG B 190 19.74 2.80 -22.74
C ARG B 190 19.95 2.12 -24.08
N SER B 191 18.89 1.92 -24.85
CA SER B 191 19.02 1.22 -26.12
C SER B 191 18.57 1.99 -27.37
N ILE B 192 19.12 1.61 -28.52
CA ILE B 192 18.79 2.23 -29.79
C ILE B 192 18.61 1.11 -30.81
N PRO B 193 17.65 1.25 -31.74
CA PRO B 193 17.42 0.20 -32.75
C PRO B 193 18.73 -0.03 -33.49
N ASP B 194 18.99 -1.27 -33.89
CA ASP B 194 20.27 -1.54 -34.52
C ASP B 194 20.28 -2.50 -35.69
N HIS B 195 19.17 -3.14 -36.02
CA HIS B 195 19.24 -4.00 -37.17
C HIS B 195 18.53 -3.37 -38.34
N TYR B 196 17.38 -3.90 -38.74
CA TYR B 196 16.68 -3.34 -39.88
C TYR B 196 16.11 -1.97 -39.58
N PHE B 197 15.65 -1.80 -38.36
CA PHE B 197 15.06 -0.54 -37.94
C PHE B 197 16.07 0.52 -37.55
N LYS B 198 15.60 1.77 -37.52
CA LYS B 198 16.41 2.92 -37.17
C LYS B 198 15.58 3.75 -36.21
N GLY B 199 16.19 4.65 -35.48
CA GLY B 199 15.39 5.45 -34.57
C GLY B 199 16.22 6.28 -33.63
N PHE B 200 15.73 6.41 -32.40
CA PHE B 200 16.39 7.23 -31.40
C PHE B 200 16.72 6.45 -30.14
N TRP B 201 17.54 7.04 -29.28
CA TRP B 201 17.88 6.40 -28.03
C TRP B 201 16.66 6.33 -27.13
N SER B 202 16.56 5.25 -26.36
CA SER B 202 15.47 5.09 -25.42
C SER B 202 15.78 5.97 -24.22
N GLU B 203 14.81 6.12 -23.33
CA GLU B 203 15.02 6.90 -22.13
C GLU B 203 16.08 6.10 -21.36
N TRP B 204 16.77 6.75 -20.42
CA TRP B 204 17.78 6.05 -19.61
C TRP B 204 17.10 5.13 -18.63
N SER B 205 17.81 4.08 -18.22
CA SER B 205 17.26 3.17 -17.24
C SER B 205 17.43 3.87 -15.89
N PRO B 206 16.79 3.36 -14.85
CA PRO B 206 17.00 4.06 -13.57
C PRO B 206 18.47 3.82 -13.24
N SER B 207 19.10 4.73 -12.50
CA SER B 207 20.50 4.54 -12.17
C SER B 207 20.69 3.50 -11.09
N TYR B 208 21.87 2.91 -11.06
CA TYR B 208 22.19 1.91 -10.06
C TYR B 208 23.44 2.44 -9.41
N TYR B 209 23.55 2.34 -8.10
CA TYR B 209 24.76 2.85 -7.46
C TYR B 209 25.49 1.76 -6.68
N PHE B 210 26.77 1.59 -6.98
CA PHE B 210 27.55 0.58 -6.30
C PHE B 210 28.89 1.17 -5.91
N ARG B 211 29.50 0.56 -4.88
CA ARG B 211 30.79 1.02 -4.39
C ARG B 211 31.88 0.00 -4.69
N THR B 212 33.05 0.52 -5.06
CA THR B 212 34.21 -0.30 -5.38
C THR B 212 35.03 -0.38 -4.09
N PRO B 213 35.55 -1.56 -3.75
CA PRO B 213 36.34 -1.76 -2.54
C PRO B 213 37.59 -0.89 -2.32
N GLU B 214 38.14 -0.99 -1.12
CA GLU B 214 39.32 -0.25 -0.70
C GLU B 214 40.55 -1.09 -1.07
N ILE B 215 41.30 -0.66 -2.09
CA ILE B 215 42.48 -1.40 -2.54
C ILE B 215 43.69 -1.22 -1.60
N ASP C 10 -17.45 16.08 44.33
CA ASP C 10 -16.39 15.49 43.45
C ASP C 10 -15.45 14.58 44.25
N GLY C 11 -15.66 14.50 45.57
CA GLY C 11 -14.85 13.66 46.43
C GLY C 11 -14.85 12.24 45.88
N LYS C 12 -15.63 12.04 44.81
CA LYS C 12 -15.72 10.76 44.13
C LYS C 12 -14.38 10.56 43.40
N GLN C 13 -13.77 11.68 43.02
CA GLN C 13 -12.49 11.67 42.33
C GLN C 13 -11.42 11.13 43.27
N TYR C 14 -11.49 11.55 44.52
CA TYR C 14 -10.53 11.08 45.51
C TYR C 14 -10.73 9.59 45.73
N GLU C 15 -11.93 9.24 46.17
CA GLU C 15 -12.26 7.86 46.44
C GLU C 15 -11.83 6.90 45.35
N SER C 16 -12.21 7.21 44.12
CA SER C 16 -11.94 6.36 42.95
C SER C 16 -10.59 6.41 42.25
N VAL C 17 -9.97 7.59 42.21
CA VAL C 17 -8.71 7.77 41.54
C VAL C 17 -7.57 8.06 42.50
N LEU C 18 -7.69 9.18 43.22
CA LEU C 18 -6.67 9.62 44.16
C LEU C 18 -6.33 8.64 45.28
N MET C 19 -7.34 8.10 45.93
CA MET C 19 -7.11 7.16 47.03
C MET C 19 -6.36 5.88 46.62
N VAL C 20 -6.51 5.45 45.37
CA VAL C 20 -5.84 4.24 44.90
C VAL C 20 -4.34 4.40 45.04
N SER C 21 -3.85 5.60 44.78
CA SER C 21 -2.42 5.85 44.89
C SER C 21 -1.99 5.99 46.35
N ILE C 22 -2.78 6.66 47.18
CA ILE C 22 -2.38 6.81 48.58
C ILE C 22 -2.21 5.43 49.18
N ASP C 23 -3.20 4.57 48.95
CA ASP C 23 -3.18 3.22 49.48
C ASP C 23 -2.00 2.38 48.98
N GLN C 24 -1.72 2.45 47.69
CA GLN C 24 -0.62 1.66 47.15
C GLN C 24 0.67 2.09 47.83
N LEU C 25 0.84 3.39 48.00
CA LEU C 25 2.01 3.91 48.65
C LEU C 25 2.11 3.36 50.09
N LEU C 26 1.02 3.48 50.83
CA LEU C 26 0.99 3.01 52.20
C LEU C 26 1.28 1.53 52.28
N ASP C 27 0.97 0.81 51.22
CA ASP C 27 1.22 -0.63 51.18
C ASP C 27 2.67 -1.01 51.07
N SER C 28 3.46 -0.20 50.38
CA SER C 28 4.87 -0.50 50.22
C SER C 28 5.63 0.00 51.45
N MET C 29 4.88 0.52 52.42
CA MET C 29 5.46 1.04 53.66
C MET C 29 4.83 0.44 54.92
N LYS C 30 4.17 -0.71 54.80
CA LYS C 30 3.52 -1.32 55.95
C LYS C 30 4.53 -2.04 56.83
N GLU C 31 5.69 -2.35 56.26
CA GLU C 31 6.74 -3.04 57.01
C GLU C 31 7.44 -2.04 57.93
N ILE C 32 7.60 -0.80 57.46
CA ILE C 32 8.25 0.25 58.25
C ILE C 32 7.26 0.80 59.28
N GLY C 33 7.76 1.65 60.17
CA GLY C 33 6.89 2.25 61.18
C GLY C 33 7.18 2.00 62.66
N SER C 34 6.97 0.76 63.10
CA SER C 34 7.18 0.41 64.49
C SER C 34 8.61 0.49 65.04
N ASN C 35 9.36 1.53 64.68
CA ASN C 35 10.73 1.64 65.19
C ASN C 35 11.38 3.02 65.13
N CYS C 36 10.71 3.99 64.51
CA CYS C 36 11.26 5.35 64.45
C CYS C 36 10.70 6.23 65.53
N LEU C 37 11.42 7.33 65.81
CA LEU C 37 11.00 8.30 66.81
C LEU C 37 9.57 8.67 66.44
N ASN C 38 8.61 8.11 67.17
CA ASN C 38 7.21 8.40 66.87
C ASN C 38 6.90 9.87 67.15
N ASN C 39 7.57 10.42 68.16
CA ASN C 39 7.37 11.82 68.58
C ASN C 39 6.99 12.69 67.38
N GLU C 40 5.70 13.06 67.34
CA GLU C 40 5.15 13.88 66.27
C GLU C 40 6.13 14.94 65.77
N PHE C 41 6.32 14.99 64.46
CA PHE C 41 7.22 15.96 63.84
C PHE C 41 6.52 17.31 63.95
N ASN C 42 7.30 18.38 63.89
CA ASN C 42 6.75 19.73 63.99
C ASN C 42 5.72 20.07 62.93
N PHE C 43 5.85 19.50 61.75
CA PHE C 43 4.91 19.80 60.68
C PHE C 43 3.47 19.57 61.15
N PHE C 44 3.27 18.46 61.87
CA PHE C 44 1.93 18.09 62.35
C PHE C 44 1.52 18.85 63.59
N LYS C 45 2.51 19.37 64.34
CA LYS C 45 2.23 20.15 65.53
C LYS C 45 1.73 21.51 65.06
N ARG C 46 2.36 22.03 64.01
CA ARG C 46 1.98 23.32 63.47
C ARG C 46 0.80 23.26 62.50
N HIS C 47 0.67 22.17 61.74
CA HIS C 47 -0.44 22.06 60.78
C HIS C 47 -1.40 20.90 61.04
N ILE C 48 -2.65 21.24 61.34
CA ILE C 48 -3.69 20.25 61.60
C ILE C 48 -4.80 20.36 60.57
N CYS C 49 -5.50 19.24 60.34
CA CYS C 49 -6.61 19.22 59.41
C CYS C 49 -7.84 19.55 60.26
N ASP C 50 -7.88 20.77 60.77
CA ASP C 50 -8.95 21.24 61.63
C ASP C 50 -10.26 21.48 60.96
N ALA C 51 -11.33 21.20 61.70
CA ALA C 51 -12.69 21.37 61.20
C ALA C 51 -12.72 22.62 60.32
N ASN C 52 -13.22 22.43 59.10
CA ASN C 52 -13.33 23.49 58.11
C ASN C 52 -12.10 24.41 58.10
N LYS C 53 -11.01 23.81 57.63
CA LYS C 53 -9.67 24.39 57.50
C LYS C 53 -8.88 23.22 56.92
N GLU C 54 -9.64 22.22 56.46
CA GLU C 54 -9.11 20.99 55.86
C GLU C 54 -8.36 21.31 54.59
N GLY C 55 -8.93 22.21 53.80
CA GLY C 55 -8.31 22.58 52.55
C GLY C 55 -6.89 23.05 52.74
N MET C 56 -6.67 23.92 53.72
CA MET C 56 -5.33 24.45 53.99
C MET C 56 -4.34 23.31 54.27
N PHE C 57 -4.80 22.28 54.99
CA PHE C 57 -3.92 21.18 55.31
C PHE C 57 -3.53 20.29 54.14
N LEU C 58 -4.52 19.89 53.35
CA LEU C 58 -4.26 19.01 52.20
C LEU C 58 -3.31 19.71 51.23
N PHE C 59 -3.55 20.98 51.05
CA PHE C 59 -2.72 21.80 50.19
C PHE C 59 -1.26 21.67 50.64
N ARG C 60 -1.04 22.01 51.91
CA ARG C 60 0.27 21.96 52.51
C ARG C 60 0.85 20.54 52.39
N ALA C 61 0.11 19.55 52.88
CA ALA C 61 0.59 18.17 52.83
C ALA C 61 0.97 17.73 51.42
N ALA C 62 0.20 18.19 50.42
CA ALA C 62 0.45 17.83 49.03
C ALA C 62 1.80 18.38 48.59
N ARG C 63 2.09 19.61 48.99
CA ARG C 63 3.36 20.21 48.61
C ARG C 63 4.50 19.52 49.32
N LYS C 64 4.34 19.30 50.62
CA LYS C 64 5.40 18.64 51.37
C LYS C 64 5.75 17.33 50.66
N LEU C 65 4.74 16.70 50.09
CA LEU C 65 4.92 15.43 49.39
C LEU C 65 5.99 15.43 48.31
N ARG C 66 5.97 16.44 47.44
CA ARG C 66 6.94 16.49 46.36
C ARG C 66 8.38 16.42 46.83
N GLN C 67 8.62 16.89 48.05
CA GLN C 67 9.96 16.85 48.62
C GLN C 67 10.51 15.43 48.77
N PHE C 68 9.72 14.43 48.39
CA PHE C 68 10.17 13.04 48.47
C PHE C 68 10.42 12.45 47.11
N LEU C 69 10.37 13.31 46.10
CA LEU C 69 10.58 12.90 44.72
C LEU C 69 12.05 12.88 44.32
N LYS C 70 12.48 11.73 43.81
CA LYS C 70 13.85 11.54 43.35
C LYS C 70 13.94 12.07 41.90
N MET C 71 15.05 12.72 41.54
CA MET C 71 15.27 13.30 40.19
C MET C 71 14.69 12.43 39.07
N ASN C 72 15.17 11.19 38.96
CA ASN C 72 14.68 10.26 37.94
C ASN C 72 13.27 9.79 38.37
N SER C 73 12.33 10.72 38.35
CA SER C 73 10.94 10.45 38.74
C SER C 73 10.25 9.46 37.78
N THR C 74 10.81 8.27 37.65
CA THR C 74 10.24 7.27 36.76
C THR C 74 10.27 5.93 37.50
N GLY C 75 9.16 5.62 38.16
CA GLY C 75 9.02 4.39 38.91
C GLY C 75 7.68 4.40 39.62
N ASP C 76 7.01 3.25 39.69
CA ASP C 76 5.72 3.19 40.35
C ASP C 76 5.63 4.13 41.55
N PHE C 77 6.55 3.96 42.48
CA PHE C 77 6.56 4.76 43.69
C PHE C 77 6.50 6.26 43.46
N ASP C 78 7.47 6.81 42.75
CA ASP C 78 7.47 8.24 42.53
C ASP C 78 6.23 8.69 41.74
N LEU C 79 5.75 7.85 40.84
CA LEU C 79 4.56 8.18 40.07
C LEU C 79 3.35 8.30 40.99
N HIS C 80 3.23 7.38 41.94
CA HIS C 80 2.14 7.40 42.88
C HIS C 80 2.22 8.67 43.71
N LEU C 81 3.43 9.06 44.11
CA LEU C 81 3.61 10.28 44.91
C LEU C 81 3.15 11.47 44.09
N LEU C 82 3.58 11.50 42.83
CA LEU C 82 3.22 12.60 41.93
C LEU C 82 1.72 12.66 41.73
N LYS C 83 1.09 11.51 41.52
CA LYS C 83 -0.36 11.48 41.33
C LYS C 83 -1.09 12.03 42.55
N VAL C 84 -0.70 11.59 43.74
CA VAL C 84 -1.36 12.05 44.95
C VAL C 84 -1.34 13.56 45.14
N SER C 85 -0.19 14.19 44.93
CA SER C 85 -0.14 15.63 45.17
C SER C 85 -0.59 16.48 44.01
N GLU C 86 -0.12 16.20 42.80
CA GLU C 86 -0.55 16.99 41.67
C GLU C 86 -2.06 16.79 41.57
N GLY C 87 -2.52 15.62 42.02
CA GLY C 87 -3.95 15.32 42.01
C GLY C 87 -4.72 16.05 43.09
N THR C 88 -4.28 15.94 44.34
CA THR C 88 -4.94 16.63 45.44
C THR C 88 -5.05 18.11 45.07
N THR C 89 -3.95 18.63 44.51
CA THR C 89 -3.88 20.02 44.08
C THR C 89 -5.02 20.39 43.13
N ILE C 90 -5.07 19.71 42.00
CA ILE C 90 -6.09 19.98 40.99
C ILE C 90 -7.53 19.92 41.52
N LEU C 91 -7.74 19.23 42.64
CA LEU C 91 -9.09 19.13 43.20
C LEU C 91 -9.49 20.35 44.05
N LEU C 92 -8.49 21.13 44.43
CA LEU C 92 -8.69 22.31 45.27
C LEU C 92 -8.61 23.64 44.48
N LYS C 125 14.26 21.35 49.15
CA LYS C 125 14.93 20.54 50.17
C LYS C 125 14.42 19.11 50.14
N LYS C 126 15.23 18.18 49.64
CA LYS C 126 14.84 16.78 49.57
C LYS C 126 14.72 16.13 50.96
N LEU C 127 13.81 15.16 51.08
CA LEU C 127 13.56 14.45 52.35
C LEU C 127 13.65 12.94 52.09
N ASN C 128 14.08 12.18 53.09
CA ASN C 128 14.22 10.73 52.90
C ASN C 128 13.56 9.86 53.96
N ASP C 129 13.18 10.45 55.09
CA ASP C 129 12.58 9.63 56.13
C ASP C 129 11.20 9.11 55.75
N LEU C 130 11.10 7.80 55.58
CA LEU C 130 9.84 7.17 55.20
C LEU C 130 8.82 7.22 56.33
N CYS C 131 9.30 7.40 57.55
CA CYS C 131 8.41 7.49 58.69
C CYS C 131 7.55 8.73 58.58
N PHE C 132 8.17 9.84 58.18
CA PHE C 132 7.43 11.07 58.00
C PHE C 132 6.50 10.94 56.79
N LEU C 133 6.99 10.34 55.71
CA LEU C 133 6.15 10.19 54.53
C LEU C 133 4.94 9.33 54.90
N LYS C 134 5.21 8.19 55.52
CA LYS C 134 4.14 7.28 55.91
C LYS C 134 3.09 7.98 56.75
N ARG C 135 3.52 8.75 57.74
CA ARG C 135 2.53 9.42 58.55
C ARG C 135 1.88 10.58 57.77
N LEU C 136 2.59 11.14 56.82
CA LEU C 136 2.03 12.23 56.04
C LEU C 136 0.89 11.70 55.19
N LEU C 137 1.09 10.57 54.53
CA LEU C 137 0.04 9.99 53.69
C LEU C 137 -1.17 9.63 54.54
N GLN C 138 -0.93 9.02 55.70
CA GLN C 138 -2.02 8.65 56.60
C GLN C 138 -2.85 9.88 56.97
N GLU C 139 -2.17 10.97 57.30
CA GLU C 139 -2.88 12.19 57.67
C GLU C 139 -3.65 12.76 56.48
N ILE C 140 -3.09 12.61 55.27
CA ILE C 140 -3.76 13.11 54.06
C ILE C 140 -5.06 12.34 53.87
N LYS C 141 -5.01 11.02 54.08
CA LYS C 141 -6.19 10.18 53.94
C LYS C 141 -7.26 10.63 54.93
N THR C 142 -6.86 10.77 56.19
CA THR C 142 -7.78 11.19 57.23
C THR C 142 -8.41 12.55 56.93
N CYS C 143 -7.62 13.49 56.42
CA CYS C 143 -8.14 14.80 56.11
C CYS C 143 -9.18 14.68 55.01
N TRP C 144 -8.90 13.82 54.03
CA TRP C 144 -9.85 13.63 52.93
C TRP C 144 -11.15 13.05 53.47
N ASN C 145 -11.04 12.18 54.47
CA ASN C 145 -12.23 11.58 55.07
C ASN C 145 -13.17 12.65 55.60
N LYS C 146 -12.59 13.62 56.32
CA LYS C 146 -13.38 14.70 56.87
C LYS C 146 -14.07 15.44 55.73
N ILE C 147 -13.29 15.96 54.78
CA ILE C 147 -13.85 16.67 53.63
C ILE C 147 -15.07 15.91 53.09
N LEU C 148 -14.94 14.59 53.05
CA LEU C 148 -16.01 13.71 52.55
C LEU C 148 -17.19 13.59 53.53
N MET C 149 -17.01 12.84 54.62
CA MET C 149 -18.05 12.66 55.62
C MET C 149 -18.50 13.98 56.26
N GLY C 150 -18.19 15.09 55.58
CA GLY C 150 -18.55 16.42 56.05
C GLY C 150 -19.39 17.16 55.02
N THR C 151 -19.81 16.43 53.99
CA THR C 151 -20.63 16.95 52.89
C THR C 151 -21.31 15.78 52.16
N GLU D 18 -12.33 23.80 4.16
CA GLU D 18 -11.35 22.69 4.03
C GLU D 18 -12.05 21.35 4.26
N LEU D 19 -12.70 20.84 3.21
CA LEU D 19 -13.44 19.57 3.25
C LEU D 19 -12.57 18.35 3.57
N ASP D 20 -11.50 18.57 4.33
CA ASP D 20 -10.59 17.52 4.74
C ASP D 20 -10.96 17.16 6.19
N ASP D 21 -11.38 15.91 6.41
CA ASP D 21 -11.76 15.47 7.74
C ASP D 21 -10.88 14.40 8.35
N TYR D 22 -10.57 14.61 9.62
CA TYR D 22 -9.67 13.74 10.34
C TYR D 22 -10.21 13.33 11.69
N SER D 23 -11.54 13.36 11.80
CA SER D 23 -12.18 12.95 13.03
C SER D 23 -11.64 11.61 13.48
N PHE D 24 -11.62 11.41 14.79
CA PHE D 24 -11.14 10.17 15.38
C PHE D 24 -11.85 9.90 16.69
N SER D 25 -11.59 8.74 17.26
CA SER D 25 -12.16 8.33 18.54
C SER D 25 -11.14 7.45 19.26
N CYS D 26 -11.13 7.53 20.57
CA CYS D 26 -10.20 6.74 21.35
C CYS D 26 -10.90 6.08 22.50
N TYR D 27 -10.22 5.11 23.09
CA TYR D 27 -10.72 4.41 24.25
C TYR D 27 -9.54 4.06 25.12
N SER D 28 -9.68 4.32 26.40
CA SER D 28 -8.60 4.00 27.32
C SER D 28 -8.87 2.67 28.00
N GLN D 29 -7.81 2.08 28.53
CA GLN D 29 -7.90 0.84 29.26
C GLN D 29 -6.97 0.95 30.45
N LEU D 30 -7.56 0.97 31.64
CA LEU D 30 -6.82 1.14 32.88
C LEU D 30 -6.38 -0.19 33.49
N GLU D 31 -5.10 -0.25 33.88
CA GLU D 31 -4.49 -1.46 34.45
C GLU D 31 -4.73 -2.59 33.47
N VAL D 32 -4.35 -2.39 32.21
CA VAL D 32 -4.54 -3.41 31.21
C VAL D 32 -3.34 -4.34 31.12
N ASN D 33 -2.21 -3.86 31.58
CA ASN D 33 -0.97 -4.64 31.62
C ASN D 33 -0.43 -4.34 33.01
N GLY D 34 -0.86 -5.12 33.99
CA GLY D 34 -0.40 -4.85 35.33
C GLY D 34 -1.03 -3.53 35.73
N SER D 35 -0.22 -2.59 36.22
CA SER D 35 -0.76 -1.31 36.62
C SER D 35 -0.60 -0.30 35.50
N GLN D 36 -0.19 -0.77 34.34
CA GLN D 36 -0.03 0.12 33.19
C GLN D 36 -1.36 0.31 32.44
N HIS D 37 -1.63 1.52 31.95
CA HIS D 37 -2.86 1.80 31.23
C HIS D 37 -2.54 1.91 29.75
N SER D 38 -3.58 2.01 28.93
CA SER D 38 -3.37 2.14 27.49
C SER D 38 -4.43 3.06 26.89
N LEU D 39 -4.01 3.92 25.96
CA LEU D 39 -4.95 4.80 25.30
C LEU D 39 -4.83 4.38 23.85
N THR D 40 -5.95 4.25 23.15
CA THR D 40 -5.95 3.82 21.75
C THR D 40 -6.84 4.72 20.89
N CYS D 41 -6.28 5.26 19.82
CA CYS D 41 -7.04 6.15 18.93
C CYS D 41 -6.95 5.69 17.50
N ALA D 42 -8.00 5.99 16.74
CA ALA D 42 -8.07 5.63 15.34
C ALA D 42 -9.00 6.57 14.62
N PHE D 43 -8.72 6.80 13.35
CA PHE D 43 -9.55 7.68 12.53
C PHE D 43 -10.87 6.99 12.24
N GLU D 44 -11.94 7.78 12.12
CA GLU D 44 -13.25 7.20 11.82
C GLU D 44 -13.32 6.77 10.37
N ASP D 45 -12.70 7.55 9.49
CA ASP D 45 -12.70 7.17 8.09
C ASP D 45 -11.54 6.19 7.96
N PRO D 46 -11.84 4.92 7.81
CA PRO D 46 -10.83 3.86 7.67
C PRO D 46 -9.92 4.01 6.48
N ASP D 47 -10.35 4.79 5.49
CA ASP D 47 -9.56 4.98 4.28
C ASP D 47 -8.64 6.21 4.28
N VAL D 48 -8.63 6.96 5.38
CA VAL D 48 -7.79 8.15 5.50
C VAL D 48 -6.30 7.79 5.39
N ASN D 49 -5.53 8.65 4.73
CA ASN D 49 -4.09 8.41 4.53
C ASN D 49 -3.27 8.73 5.78
N THR D 50 -2.74 7.68 6.40
CA THR D 50 -1.97 7.81 7.62
C THR D 50 -0.48 7.52 7.45
N THR D 51 0.18 8.26 6.56
CA THR D 51 1.61 8.06 6.32
C THR D 51 2.38 9.35 6.61
N ASN D 52 1.69 10.32 7.18
CA ASN D 52 2.33 11.58 7.51
C ASN D 52 1.70 12.10 8.78
N LEU D 53 0.58 11.47 9.16
CA LEU D 53 -0.15 11.88 10.34
C LEU D 53 0.38 11.31 11.66
N GLU D 54 0.29 12.12 12.70
CA GLU D 54 0.74 11.75 14.05
C GLU D 54 -0.25 12.09 15.17
N PHE D 55 -0.23 11.27 16.21
CA PHE D 55 -1.10 11.45 17.35
C PHE D 55 -0.31 11.81 18.59
N GLU D 56 -0.80 12.80 19.31
CA GLU D 56 -0.14 13.24 20.54
C GLU D 56 -1.11 13.65 21.63
N ILE D 57 -0.78 13.31 22.87
CA ILE D 57 -1.63 13.67 24.00
C ILE D 57 -0.88 14.56 25.00
N CYS D 58 -1.55 15.64 25.41
CA CYS D 58 -1.00 16.60 26.37
C CYS D 58 -2.01 16.88 27.47
N GLY D 59 -1.52 17.00 28.70
CA GLY D 59 -2.41 17.27 29.82
C GLY D 59 -2.80 16.04 30.62
N ALA D 60 -3.09 16.26 31.90
CA ALA D 60 -3.48 15.17 32.78
C ALA D 60 -2.48 14.01 32.82
N LEU D 61 -1.21 14.34 32.63
CA LEU D 61 -0.13 13.36 32.68
C LEU D 61 0.73 13.74 33.88
N VAL D 62 1.75 12.96 34.22
CA VAL D 62 2.54 13.34 35.39
C VAL D 62 4.03 13.70 35.17
N GLU D 63 4.89 12.70 35.10
CA GLU D 63 6.32 12.95 34.93
C GLU D 63 6.58 13.84 33.72
N VAL D 64 5.78 13.64 32.66
CA VAL D 64 5.93 14.38 31.42
C VAL D 64 4.76 15.33 31.14
N LYS D 65 4.87 16.11 30.07
CA LYS D 65 3.82 17.06 29.73
C LYS D 65 2.93 16.51 28.61
N CYS D 66 3.53 15.84 27.64
CA CYS D 66 2.80 15.24 26.52
C CYS D 66 3.41 13.88 26.18
N LEU D 67 2.69 13.09 25.40
CA LEU D 67 3.18 11.78 24.98
C LEU D 67 2.92 11.54 23.49
N ASN D 68 3.86 10.86 22.83
CA ASN D 68 3.74 10.55 21.41
C ASN D 68 3.16 9.16 21.26
N PHE D 69 2.11 9.03 20.45
CA PHE D 69 1.54 7.72 20.23
C PHE D 69 2.47 6.89 19.37
N ARG D 70 2.11 5.64 19.16
CA ARG D 70 2.93 4.79 18.33
C ARG D 70 1.99 4.10 17.34
N LYS D 71 2.19 4.37 16.05
CA LYS D 71 1.35 3.79 15.01
C LYS D 71 1.61 2.29 14.88
N LEU D 72 0.54 1.52 14.79
CA LEU D 72 0.63 0.07 14.62
C LEU D 72 -0.34 -0.28 13.52
N GLN D 73 0.03 0.10 12.31
CA GLN D 73 -0.79 -0.10 11.11
C GLN D 73 -1.75 1.07 10.95
N GLU D 74 -3.03 0.84 11.22
CA GLU D 74 -4.00 1.90 11.07
C GLU D 74 -4.31 2.62 12.39
N ILE D 75 -3.99 1.99 13.51
CA ILE D 75 -4.26 2.57 14.82
C ILE D 75 -3.06 3.11 15.56
N TYR D 76 -3.30 4.11 16.38
CA TYR D 76 -2.26 4.75 17.18
C TYR D 76 -2.54 4.46 18.65
N PHE D 77 -1.50 4.19 19.44
CA PHE D 77 -1.73 3.92 20.85
C PHE D 77 -0.52 4.05 21.78
N ILE D 78 -0.80 4.35 23.04
CA ILE D 78 0.24 4.48 24.06
C ILE D 78 -0.01 3.57 25.27
N GLU D 79 1.06 3.18 25.93
CA GLU D 79 0.97 2.34 27.12
C GLU D 79 1.82 3.00 28.18
N THR D 80 1.19 3.55 29.20
CA THR D 80 1.94 4.22 30.24
C THR D 80 1.23 4.13 31.59
N LYS D 81 1.87 4.68 32.61
CA LYS D 81 1.32 4.71 33.95
C LYS D 81 1.29 6.17 34.29
N LYS D 82 1.67 7.00 33.33
CA LYS D 82 1.70 8.44 33.57
C LYS D 82 0.40 9.19 33.35
N PHE D 83 -0.74 8.50 33.43
CA PHE D 83 -2.04 9.15 33.28
C PHE D 83 -2.43 9.59 34.67
N LEU D 84 -2.83 10.84 34.83
CA LEU D 84 -3.22 11.28 36.16
C LEU D 84 -4.62 10.78 36.51
N LEU D 85 -5.49 10.73 35.50
CA LEU D 85 -6.89 10.29 35.64
C LEU D 85 -7.77 11.29 36.38
N ILE D 86 -7.37 12.55 36.30
CA ILE D 86 -8.11 13.65 36.90
C ILE D 86 -7.99 14.85 35.94
N GLY D 87 -9.12 15.22 35.33
CA GLY D 87 -9.12 16.33 34.40
C GLY D 87 -8.96 15.88 32.95
N LYS D 88 -9.32 16.76 32.02
CA LYS D 88 -9.26 16.48 30.60
C LYS D 88 -7.87 16.53 30.00
N SER D 89 -7.68 15.83 28.89
CA SER D 89 -6.40 15.79 28.18
C SER D 89 -6.66 16.30 26.77
N ASN D 90 -5.60 16.60 26.03
CA ASN D 90 -5.80 17.10 24.69
C ASN D 90 -5.10 16.20 23.69
N ILE D 91 -5.89 15.42 22.97
CA ILE D 91 -5.34 14.53 21.95
C ILE D 91 -5.39 15.32 20.65
N CYS D 92 -4.29 15.29 19.92
CA CYS D 92 -4.18 16.00 18.67
C CYS D 92 -3.66 15.14 17.52
N VAL D 93 -4.22 15.39 16.34
CA VAL D 93 -3.78 14.72 15.11
C VAL D 93 -2.81 15.74 14.56
N LYS D 94 -1.53 15.52 14.76
CA LYS D 94 -0.56 16.46 14.26
C LYS D 94 0.10 15.94 12.99
N VAL D 95 0.10 16.79 11.95
CA VAL D 95 0.70 16.46 10.66
C VAL D 95 2.03 17.20 10.68
N GLY D 96 3.10 16.45 10.95
CA GLY D 96 4.40 17.08 11.03
C GLY D 96 4.50 17.87 12.33
N GLU D 97 3.76 18.97 12.42
CA GLU D 97 3.75 19.82 13.61
C GLU D 97 2.51 20.74 13.60
N LYS D 98 1.69 20.59 12.56
CA LYS D 98 0.47 21.37 12.43
C LYS D 98 -0.64 20.63 13.15
N SER D 99 -1.39 21.34 14.00
CA SER D 99 -2.49 20.73 14.73
C SER D 99 -3.74 20.63 13.86
N LEU D 100 -3.82 19.58 13.05
CA LEU D 100 -4.97 19.37 12.16
C LEU D 100 -6.29 19.36 12.93
N THR D 101 -6.28 18.76 14.11
CA THR D 101 -7.48 18.71 14.94
C THR D 101 -7.11 18.14 16.29
N CYS D 102 -7.87 18.54 17.30
CA CYS D 102 -7.64 18.08 18.66
C CYS D 102 -8.98 18.00 19.38
N LYS D 103 -9.07 17.10 20.35
CA LYS D 103 -10.27 16.92 21.15
C LYS D 103 -9.86 16.94 22.62
N LYS D 104 -10.77 17.42 23.47
CA LYS D 104 -10.50 17.49 24.89
C LYS D 104 -11.23 16.32 25.56
N ILE D 105 -10.51 15.23 25.78
CA ILE D 105 -11.07 14.01 26.39
C ILE D 105 -10.58 13.75 27.82
N ASP D 106 -11.48 13.23 28.66
CA ASP D 106 -11.14 12.89 30.04
C ASP D 106 -11.04 11.37 30.06
N LEU D 107 -9.79 10.88 29.98
CA LEU D 107 -9.47 9.45 29.95
C LEU D 107 -10.30 8.52 30.84
N THR D 108 -11.00 9.05 31.84
CA THR D 108 -11.79 8.21 32.72
C THR D 108 -13.22 8.00 32.21
N THR D 109 -13.58 8.65 31.12
CA THR D 109 -14.91 8.52 30.56
C THR D 109 -14.94 7.73 29.27
N ILE D 110 -13.78 7.29 28.79
CA ILE D 110 -13.72 6.50 27.56
C ILE D 110 -13.01 5.17 27.80
N VAL D 111 -13.28 4.59 28.95
CA VAL D 111 -12.70 3.31 29.33
C VAL D 111 -13.42 2.15 28.67
N LYS D 112 -12.66 1.16 28.24
CA LYS D 112 -13.25 -0.03 27.63
C LYS D 112 -12.77 -1.24 28.41
N PRO D 113 -13.69 -1.89 29.13
CA PRO D 113 -13.33 -3.06 29.91
C PRO D 113 -12.72 -4.18 29.09
N GLU D 114 -11.95 -5.02 29.77
CA GLU D 114 -11.38 -6.19 29.13
C GLU D 114 -12.58 -7.14 29.05
N ALA D 115 -12.67 -7.94 28.00
CA ALA D 115 -13.83 -8.81 27.86
C ALA D 115 -13.90 -9.91 28.91
N PRO D 116 -15.10 -10.23 29.38
CA PRO D 116 -15.26 -11.28 30.39
C PRO D 116 -14.69 -12.58 29.80
N PHE D 117 -14.52 -13.59 30.64
CA PHE D 117 -13.99 -14.86 30.15
C PHE D 117 -14.40 -15.98 31.06
N ASP D 118 -14.10 -17.20 30.63
CA ASP D 118 -14.46 -18.41 31.37
C ASP D 118 -15.95 -18.49 31.57
N LEU D 119 -16.69 -18.16 30.52
CA LEU D 119 -18.13 -18.24 30.57
C LEU D 119 -18.38 -19.73 30.82
N SER D 120 -19.53 -20.07 31.40
CA SER D 120 -19.80 -21.47 31.66
C SER D 120 -21.20 -21.74 32.16
N VAL D 121 -21.98 -22.46 31.36
CA VAL D 121 -23.34 -22.78 31.76
C VAL D 121 -23.31 -24.10 32.48
N VAL D 122 -24.19 -24.25 33.46
CA VAL D 122 -24.24 -25.46 34.25
C VAL D 122 -25.69 -25.78 34.54
N TYR D 123 -26.11 -26.97 34.15
CA TYR D 123 -27.49 -27.38 34.37
C TYR D 123 -27.64 -28.11 35.69
N ARG D 124 -28.57 -27.64 36.52
CA ARG D 124 -28.83 -28.30 37.80
C ARG D 124 -30.07 -29.16 37.61
N GLU D 125 -29.86 -30.48 37.62
CA GLU D 125 -30.94 -31.44 37.42
C GLU D 125 -32.18 -31.13 38.25
N GLY D 126 -31.99 -31.02 39.57
CA GLY D 126 -33.08 -30.73 40.49
C GLY D 126 -33.91 -29.49 40.24
N ALA D 127 -33.28 -28.32 40.32
CA ALA D 127 -33.97 -27.05 40.12
C ALA D 127 -34.44 -26.74 38.69
N ASN D 128 -34.21 -27.66 37.76
CA ASN D 128 -34.62 -27.47 36.38
C ASN D 128 -34.27 -26.08 35.84
N ASP D 129 -33.01 -25.68 36.02
CA ASP D 129 -32.50 -24.40 35.54
C ASP D 129 -30.99 -24.49 35.29
N PHE D 130 -30.48 -23.57 34.49
CA PHE D 130 -29.05 -23.55 34.17
C PHE D 130 -28.43 -22.34 34.84
N VAL D 131 -27.25 -22.55 35.41
CA VAL D 131 -26.54 -21.48 36.10
C VAL D 131 -25.36 -20.95 35.28
N VAL D 132 -25.56 -19.80 34.66
CA VAL D 132 -24.56 -19.13 33.83
C VAL D 132 -23.60 -18.31 34.71
N THR D 133 -22.30 -18.53 34.56
CA THR D 133 -21.36 -17.77 35.37
C THR D 133 -20.14 -17.46 34.53
N PHE D 134 -19.43 -16.38 34.89
CA PHE D 134 -18.24 -15.98 34.14
C PHE D 134 -17.29 -15.21 35.03
N ASN D 135 -16.17 -14.78 34.47
CA ASN D 135 -15.21 -14.03 35.26
C ASN D 135 -14.74 -12.76 34.55
N THR D 136 -14.25 -11.81 35.34
CA THR D 136 -13.76 -10.56 34.79
C THR D 136 -12.55 -10.12 35.58
N SER D 137 -11.43 -9.93 34.88
CA SER D 137 -10.20 -9.52 35.54
C SER D 137 -10.35 -8.18 36.28
N HIS D 138 -11.46 -7.50 36.02
CA HIS D 138 -11.73 -6.22 36.64
C HIS D 138 -12.01 -6.33 38.13
N LEU D 139 -12.35 -7.51 38.61
CA LEU D 139 -12.60 -7.60 40.04
C LEU D 139 -11.38 -7.28 40.89
N GLN D 140 -10.19 -7.72 40.49
CA GLN D 140 -9.03 -7.40 41.30
C GLN D 140 -8.32 -6.13 40.88
N LYS D 141 -8.95 -5.35 39.99
CA LYS D 141 -8.35 -4.10 39.57
C LYS D 141 -8.62 -3.04 40.65
N LYS D 142 -7.87 -1.95 40.66
CA LYS D 142 -8.08 -0.93 41.67
C LYS D 142 -8.93 0.27 41.25
N TYR D 143 -8.99 0.54 39.94
CA TYR D 143 -9.78 1.66 39.41
C TYR D 143 -11.17 1.25 38.94
N VAL D 144 -11.24 0.71 37.74
CA VAL D 144 -12.51 0.28 37.18
C VAL D 144 -12.88 -1.09 37.72
N LYS D 145 -13.40 -1.16 38.95
CA LYS D 145 -13.79 -2.45 39.49
C LYS D 145 -15.29 -2.67 39.50
N VAL D 146 -16.06 -1.66 39.11
CA VAL D 146 -17.51 -1.81 39.09
C VAL D 146 -18.02 -1.79 37.65
N LEU D 147 -18.56 -2.92 37.21
CA LEU D 147 -19.05 -3.07 35.85
C LEU D 147 -20.51 -3.48 35.72
N MET D 148 -21.13 -3.15 34.60
CA MET D 148 -22.49 -3.60 34.36
C MET D 148 -22.31 -4.58 33.22
N HIS D 149 -22.54 -5.86 33.50
CA HIS D 149 -22.41 -6.91 32.49
C HIS D 149 -23.68 -7.07 31.66
N ASP D 150 -23.49 -7.46 30.41
CA ASP D 150 -24.59 -7.68 29.48
C ASP D 150 -24.50 -9.12 28.94
N VAL D 151 -25.29 -10.02 29.52
CA VAL D 151 -25.33 -11.43 29.10
C VAL D 151 -26.25 -11.59 27.89
N ALA D 152 -25.74 -12.07 26.76
CA ALA D 152 -26.59 -12.24 25.57
C ALA D 152 -26.66 -13.68 25.10
N TYR D 153 -27.85 -14.10 24.66
CA TYR D 153 -28.03 -15.46 24.18
C TYR D 153 -29.17 -15.54 23.19
N ARG D 154 -29.14 -16.58 22.38
CA ARG D 154 -30.17 -16.82 21.37
C ARG D 154 -30.21 -18.31 21.08
N GLN D 155 -31.10 -18.70 20.18
CA GLN D 155 -31.19 -20.11 19.80
C GLN D 155 -30.74 -20.26 18.37
N GLU D 156 -30.06 -21.38 18.10
CA GLU D 156 -29.53 -21.71 16.78
C GLU D 156 -30.49 -21.39 15.63
N LYS D 157 -31.71 -21.92 15.74
CA LYS D 157 -32.78 -21.74 14.76
C LYS D 157 -33.08 -20.27 14.47
N ASP D 158 -32.91 -19.43 15.49
CA ASP D 158 -33.16 -18.00 15.39
C ASP D 158 -31.92 -17.19 14.96
N GLU D 159 -32.16 -16.00 14.40
CA GLU D 159 -31.07 -15.14 13.93
C GLU D 159 -31.29 -13.67 14.29
N ASN D 160 -30.20 -13.01 14.71
CA ASN D 160 -30.22 -11.59 15.08
C ASN D 160 -31.21 -11.21 16.20
N LYS D 161 -31.92 -12.19 16.73
CA LYS D 161 -32.88 -11.94 17.80
C LYS D 161 -32.35 -12.49 19.13
N TRP D 162 -31.42 -11.76 19.74
CA TRP D 162 -30.83 -12.18 21.00
C TRP D 162 -31.62 -11.69 22.21
N THR D 163 -31.53 -12.45 23.30
CA THR D 163 -32.19 -12.10 24.55
C THR D 163 -31.11 -11.55 25.47
N HIS D 164 -31.20 -10.27 25.80
CA HIS D 164 -30.21 -9.64 26.65
C HIS D 164 -30.61 -9.59 28.13
N VAL D 165 -29.62 -9.62 29.00
CA VAL D 165 -29.84 -9.58 30.44
C VAL D 165 -28.69 -8.76 31.02
N ASN D 166 -29.01 -7.68 31.73
CA ASN D 166 -27.96 -6.87 32.33
C ASN D 166 -27.76 -7.34 33.76
N LEU D 167 -26.53 -7.68 34.10
CA LEU D 167 -26.24 -8.15 35.44
C LEU D 167 -25.21 -7.22 36.08
N SER D 168 -24.92 -7.46 37.35
CA SER D 168 -23.95 -6.63 38.04
C SER D 168 -22.98 -7.55 38.77
N SER D 169 -23.38 -8.82 38.85
CA SER D 169 -22.58 -9.85 39.49
C SER D 169 -22.15 -10.77 38.36
N THR D 170 -21.34 -11.78 38.67
CA THR D 170 -20.85 -12.71 37.66
C THR D 170 -21.58 -14.06 37.62
N LYS D 171 -22.85 -14.06 38.05
CA LYS D 171 -23.68 -15.27 38.10
C LYS D 171 -25.09 -14.92 37.66
N LEU D 172 -25.60 -15.66 36.69
CA LEU D 172 -26.95 -15.46 36.15
C LEU D 172 -27.64 -16.80 36.00
N THR D 173 -28.94 -16.87 36.32
CA THR D 173 -29.64 -18.15 36.19
C THR D 173 -30.87 -18.11 35.31
N LEU D 174 -30.86 -18.96 34.28
CA LEU D 174 -32.01 -19.02 33.39
C LEU D 174 -32.79 -20.28 33.72
N LEU D 175 -34.10 -20.18 33.61
CA LEU D 175 -34.98 -21.30 33.93
C LEU D 175 -35.36 -22.15 32.70
N GLN D 176 -35.32 -23.48 32.88
CA GLN D 176 -35.68 -24.42 31.80
C GLN D 176 -37.08 -24.07 31.29
N ARG D 177 -37.91 -23.55 32.21
CA ARG D 177 -39.27 -23.19 31.88
C ARG D 177 -39.32 -21.97 30.96
N LYS D 178 -38.23 -21.19 30.93
CA LYS D 178 -38.17 -20.01 30.09
C LYS D 178 -37.34 -20.20 28.81
N LEU D 179 -36.78 -21.40 28.64
CA LEU D 179 -35.95 -21.71 27.47
C LEU D 179 -36.60 -22.83 26.64
N GLN D 180 -36.62 -22.67 25.32
CA GLN D 180 -37.20 -23.68 24.45
C GLN D 180 -36.62 -25.06 24.73
N PRO D 181 -37.47 -26.09 24.70
CA PRO D 181 -37.08 -27.49 24.94
C PRO D 181 -36.22 -28.05 23.81
N ALA D 182 -35.32 -28.99 24.16
CA ALA D 182 -34.43 -29.62 23.19
C ALA D 182 -33.92 -28.66 22.12
N ALA D 183 -32.98 -27.79 22.50
CA ALA D 183 -32.42 -26.81 21.58
C ALA D 183 -31.00 -26.44 22.00
N MET D 184 -30.19 -26.05 21.03
CA MET D 184 -28.81 -25.64 21.29
C MET D 184 -28.82 -24.12 21.30
N TYR D 185 -28.39 -23.56 22.42
CA TYR D 185 -28.32 -22.11 22.64
C TYR D 185 -26.88 -21.59 22.58
N GLU D 186 -26.73 -20.34 22.16
CA GLU D 186 -25.42 -19.70 22.13
C GLU D 186 -25.56 -18.56 23.12
N ILE D 187 -24.57 -18.44 24.00
CA ILE D 187 -24.63 -17.40 25.01
C ILE D 187 -23.26 -16.73 25.11
N LYS D 188 -23.25 -15.45 25.44
CA LYS D 188 -22.01 -14.69 25.58
C LYS D 188 -22.23 -13.43 26.42
N VAL D 189 -21.15 -12.90 26.99
CA VAL D 189 -21.25 -11.72 27.83
C VAL D 189 -20.24 -10.65 27.44
N ARG D 190 -20.41 -9.46 28.01
CA ARG D 190 -19.51 -8.32 27.77
C ARG D 190 -19.77 -7.31 28.87
N SER D 191 -18.79 -6.46 29.16
CA SER D 191 -18.94 -5.50 30.24
C SER D 191 -18.73 -4.04 29.88
N ILE D 192 -19.37 -3.18 30.65
CA ILE D 192 -19.29 -1.73 30.46
C ILE D 192 -19.01 -1.07 31.82
N PRO D 193 -18.18 -0.02 31.86
CA PRO D 193 -17.88 0.63 33.13
C PRO D 193 -19.21 1.08 33.73
N ASP D 194 -19.34 1.05 35.06
CA ASP D 194 -20.60 1.46 35.62
C ASP D 194 -20.58 2.21 36.94
N HIS D 195 -19.41 2.51 37.48
CA HIS D 195 -19.42 3.28 38.71
C HIS D 195 -18.95 4.69 38.41
N TYR D 196 -17.76 5.05 38.89
CA TYR D 196 -17.28 6.40 38.67
C TYR D 196 -16.90 6.63 37.22
N PHE D 197 -16.34 5.59 36.60
CA PHE D 197 -15.91 5.70 35.22
C PHE D 197 -17.02 5.47 34.21
N LYS D 198 -16.75 5.87 32.97
CA LYS D 198 -17.70 5.73 31.88
C LYS D 198 -16.91 5.24 30.70
N GLY D 199 -17.58 4.73 29.69
CA GLY D 199 -16.84 4.27 28.54
C GLY D 199 -17.67 3.47 27.59
N PHE D 200 -17.06 2.47 26.97
CA PHE D 200 -17.73 1.65 25.99
C PHE D 200 -17.84 0.17 26.38
N TRP D 201 -18.62 -0.59 25.63
CA TRP D 201 -18.76 -2.01 25.89
C TRP D 201 -17.48 -2.72 25.51
N SER D 202 -17.11 -3.71 26.30
CA SER D 202 -15.91 -4.48 26.03
C SER D 202 -16.23 -5.38 24.85
N GLU D 203 -15.23 -6.04 24.30
CA GLU D 203 -15.45 -6.96 23.20
C GLU D 203 -16.30 -8.09 23.83
N TRP D 204 -17.02 -8.87 23.04
CA TRP D 204 -17.81 -9.98 23.57
C TRP D 204 -16.88 -11.10 24.03
N SER D 205 -17.37 -11.92 24.94
CA SER D 205 -16.59 -13.05 25.41
C SER D 205 -16.76 -14.13 24.33
N PRO D 206 -15.91 -15.17 24.34
CA PRO D 206 -16.16 -16.15 23.29
C PRO D 206 -17.49 -16.77 23.63
N SER D 207 -18.18 -17.29 22.63
CA SER D 207 -19.50 -17.88 22.88
C SER D 207 -19.42 -19.24 23.55
N TYR D 208 -20.49 -19.61 24.23
CA TYR D 208 -20.55 -20.90 24.87
C TYR D 208 -21.80 -21.53 24.32
N TYR D 209 -21.74 -22.81 23.96
CA TYR D 209 -22.94 -23.46 23.44
C TYR D 209 -23.41 -24.59 24.34
N PHE D 210 -24.68 -24.52 24.71
CA PHE D 210 -25.24 -25.56 25.55
C PHE D 210 -26.58 -25.99 25.00
N ARG D 211 -26.96 -27.23 25.31
CA ARG D 211 -28.22 -27.81 24.86
C ARG D 211 -29.19 -27.94 26.02
N THR D 212 -30.44 -27.55 25.80
CA THR D 212 -31.46 -27.68 26.86
C THR D 212 -32.18 -28.99 26.62
N PRO D 213 -32.41 -29.76 27.70
CA PRO D 213 -33.10 -31.05 27.65
C PRO D 213 -34.46 -31.03 26.92
#